data_5HL6
#
_entry.id   5HL6
#
_cell.length_a   44.460
_cell.length_b   70.200
_cell.length_c   103.070
_cell.angle_alpha   90.000
_cell.angle_beta   90.000
_cell.angle_gamma   90.000
#
_symmetry.space_group_name_H-M   'P 2 21 21'
#
loop_
_entity.id
_entity.type
_entity.pdbx_description
1 polymer 'Putative GAF sensor protein'
2 non-polymer 1,2-ETHANEDIOL
3 water water
#
_entity_poly.entity_id   1
_entity_poly.type   'polypeptide(L)'
_entity_poly.pdbx_seq_one_letter_code
;MAHHHHHHMFTLSTDPHASKAELYATLAEQARSLVESEPDLIANAANFSALVYHSLDRLNWAGFYFFDGTELVVGPFQGK
PACVRIALGKGVCGTAAQTRQTQVVRDVHAFPGHIACDAASESEIVVPLVAADGTLIGVWDVDSPVAARFDDEDRSGMEA
LCRVFVEHAWQKARDRAA
;
_entity_poly.pdbx_strand_id   A,B
#
loop_
_chem_comp.id
_chem_comp.type
_chem_comp.name
_chem_comp.formula
EDO non-polymer 1,2-ETHANEDIOL 'C2 H6 O2'
#
# COMPACT_ATOMS: atom_id res chain seq x y z
N ALA A 18 -19.82 -0.33 -17.29
CA ALA A 18 -19.83 -1.77 -17.07
C ALA A 18 -20.63 -2.14 -15.82
N SER A 19 -21.37 -3.23 -15.89
CA SER A 19 -22.16 -3.69 -14.76
C SER A 19 -21.25 -4.28 -13.68
N LYS A 20 -21.81 -4.42 -12.47
CA LYS A 20 -21.06 -5.07 -11.40
C LYS A 20 -20.70 -6.50 -11.77
N ALA A 21 -21.64 -7.24 -12.38
CA ALA A 21 -21.35 -8.63 -12.74
C ALA A 21 -20.20 -8.71 -13.72
N GLU A 22 -20.15 -7.79 -14.70
CA GLU A 22 -19.05 -7.76 -15.65
C GLU A 22 -17.74 -7.44 -14.95
N LEU A 23 -17.75 -6.41 -14.09
CA LEU A 23 -16.52 -5.95 -13.45
C LEU A 23 -15.92 -7.05 -12.59
N TYR A 24 -16.76 -7.74 -11.81
CA TYR A 24 -16.20 -8.74 -10.92
C TYR A 24 -15.76 -10.00 -11.67
N ALA A 25 -16.46 -10.37 -12.76
CA ALA A 25 -15.99 -11.49 -13.56
C ALA A 25 -14.60 -11.20 -14.13
N THR A 26 -14.39 -9.97 -14.62
CA THR A 26 -13.09 -9.60 -15.15
C THR A 26 -12.04 -9.54 -14.04
N LEU A 27 -12.36 -8.89 -12.92
CA LEU A 27 -11.41 -8.80 -11.82
C LEU A 27 -11.00 -10.17 -11.31
N ALA A 28 -11.93 -11.13 -11.26
CA ALA A 28 -11.57 -12.44 -10.73
C ALA A 28 -10.51 -13.12 -11.58
N GLU A 29 -10.63 -13.01 -12.91
CA GLU A 29 -9.64 -13.63 -13.76
C GLU A 29 -8.33 -12.84 -13.77
N GLN A 30 -8.42 -11.51 -13.70
CA GLN A 30 -7.20 -10.70 -13.63
C GLN A 30 -6.46 -10.97 -12.33
N ALA A 31 -7.19 -11.07 -11.23
CA ALA A 31 -6.53 -11.32 -9.94
C ALA A 31 -5.84 -12.68 -9.94
N ARG A 32 -6.51 -13.71 -10.45
CA ARG A 32 -5.91 -15.04 -10.47
C ARG A 32 -4.67 -15.05 -11.36
N SER A 33 -4.76 -14.43 -12.53
CA SER A 33 -3.60 -14.33 -13.42
C SER A 33 -2.44 -13.65 -12.72
N LEU A 34 -2.72 -12.57 -11.99
CA LEU A 34 -1.66 -11.77 -11.40
C LEU A 34 -0.97 -12.49 -10.25
N VAL A 35 -1.73 -13.11 -9.35
CA VAL A 35 -1.08 -13.65 -8.14
C VAL A 35 -0.53 -15.06 -8.35
N GLU A 36 -1.09 -15.83 -9.31
CA GLU A 36 -0.61 -17.18 -9.56
C GLU A 36 0.81 -17.18 -10.09
N SER A 37 1.19 -16.13 -10.81
CA SER A 37 2.51 -16.02 -11.42
C SER A 37 3.54 -15.38 -10.50
N GLU A 38 3.28 -15.31 -9.19
CA GLU A 38 4.16 -14.59 -8.26
C GLU A 38 4.16 -15.20 -6.87
N PRO A 39 5.33 -15.62 -6.36
CA PRO A 39 5.38 -16.27 -5.03
C PRO A 39 5.21 -15.34 -3.83
N ASP A 40 5.60 -14.07 -3.94
CA ASP A 40 5.72 -13.20 -2.77
C ASP A 40 4.36 -12.68 -2.32
N LEU A 41 4.03 -12.92 -1.05
CA LEU A 41 2.70 -12.58 -0.55
C LEU A 41 2.50 -11.07 -0.48
N ILE A 42 3.54 -10.32 -0.13
CA ILE A 42 3.42 -8.87 -0.01
C ILE A 42 3.20 -8.25 -1.39
N ALA A 43 3.98 -8.72 -2.38
CA ALA A 43 3.75 -8.28 -3.75
C ALA A 43 2.31 -8.56 -4.16
N ASN A 44 1.82 -9.77 -3.88
CA ASN A 44 0.46 -10.12 -4.30
C ASN A 44 -0.58 -9.28 -3.58
N ALA A 45 -0.38 -9.03 -2.28
CA ALA A 45 -1.35 -8.18 -1.56
C ALA A 45 -1.33 -6.75 -2.10
N ALA A 46 -0.14 -6.21 -2.40
CA ALA A 46 -0.09 -4.83 -2.89
C ALA A 46 -0.70 -4.71 -4.30
N ASN A 47 -0.41 -5.68 -5.18
CA ASN A 47 -0.94 -5.62 -6.54
C ASN A 47 -2.44 -5.85 -6.54
N PHE A 48 -2.92 -6.79 -5.72
CA PHE A 48 -4.36 -7.03 -5.58
C PHE A 48 -5.08 -5.76 -5.13
N SER A 49 -4.55 -5.07 -4.11
CA SER A 49 -5.16 -3.82 -3.64
C SER A 49 -5.18 -2.78 -4.74
N ALA A 50 -4.08 -2.65 -5.48
CA ALA A 50 -4.04 -1.69 -6.58
C ALA A 50 -5.02 -2.06 -7.68
N LEU A 51 -5.15 -3.35 -7.97
CA LEU A 51 -6.04 -3.79 -9.05
C LEU A 51 -7.49 -3.43 -8.75
N VAL A 52 -7.96 -3.77 -7.54
CA VAL A 52 -9.36 -3.52 -7.21
C VAL A 52 -9.61 -2.01 -7.07
N TYR A 53 -8.69 -1.31 -6.41
CA TYR A 53 -8.88 0.11 -6.14
C TYR A 53 -9.04 0.91 -7.43
N HIS A 54 -8.23 0.63 -8.44
CA HIS A 54 -8.31 1.39 -9.69
C HIS A 54 -9.29 0.79 -10.70
N SER A 55 -10.04 -0.24 -10.33
CA SER A 55 -11.03 -0.81 -11.25
C SER A 55 -12.47 -0.44 -10.91
N LEU A 56 -12.72 -0.02 -9.68
CA LEU A 56 -14.06 0.26 -9.16
C LEU A 56 -14.15 1.75 -8.80
N ASP A 57 -15.28 2.37 -9.08
CA ASP A 57 -15.34 3.80 -8.84
C ASP A 57 -15.81 4.10 -7.41
N ARG A 58 -15.67 5.37 -7.01
CA ARG A 58 -16.22 5.88 -5.76
C ARG A 58 -15.68 5.13 -4.53
N LEU A 59 -14.39 4.81 -4.55
CA LEU A 59 -13.69 4.23 -3.40
C LEU A 59 -12.70 5.23 -2.83
N ASN A 60 -12.44 5.14 -1.52
CA ASN A 60 -11.33 5.90 -0.94
C ASN A 60 -10.34 5.04 -0.16
N TRP A 61 -10.58 3.74 -0.04
CA TRP A 61 -9.61 2.88 0.63
C TRP A 61 -9.85 1.45 0.20
N ALA A 62 -8.78 0.69 -0.01
CA ALA A 62 -8.90 -0.73 -0.32
C ALA A 62 -7.61 -1.41 0.11
N GLY A 63 -7.70 -2.41 0.97
CA GLY A 63 -6.47 -3.03 1.43
C GLY A 63 -6.68 -4.11 2.47
N PHE A 64 -5.55 -4.60 2.99
CA PHE A 64 -5.50 -5.78 3.84
C PHE A 64 -5.11 -5.40 5.27
N TYR A 65 -5.70 -6.11 6.24
CA TYR A 65 -5.17 -6.23 7.60
C TYR A 65 -4.85 -7.70 7.81
N PHE A 66 -3.69 -7.98 8.37
CA PHE A 66 -3.29 -9.35 8.62
C PHE A 66 -3.24 -9.62 10.12
N PHE A 67 -3.80 -10.76 10.53
CA PHE A 67 -3.84 -11.17 11.94
C PHE A 67 -2.43 -11.53 12.39
N ASP A 68 -2.02 -11.03 13.57
CA ASP A 68 -0.67 -11.28 14.05
C ASP A 68 -0.62 -12.28 15.19
N GLY A 69 -1.70 -13.06 15.38
CA GLY A 69 -1.85 -13.92 16.53
C GLY A 69 -2.70 -13.32 17.63
N THR A 70 -2.82 -12.01 17.66
CA THR A 70 -3.56 -11.27 18.69
C THR A 70 -4.59 -10.33 18.10
N GLU A 71 -4.21 -9.55 17.07
CA GLU A 71 -5.11 -8.56 16.50
C GLU A 71 -4.77 -8.34 15.03
N LEU A 72 -5.54 -7.44 14.40
CA LEU A 72 -5.28 -7.06 13.01
C LEU A 72 -4.21 -5.99 12.93
N VAL A 73 -3.35 -6.09 11.92
CA VAL A 73 -2.25 -5.15 11.67
C VAL A 73 -2.24 -4.83 10.19
N VAL A 74 -2.25 -3.53 9.84
CA VAL A 74 -2.43 -3.17 8.44
C VAL A 74 -1.30 -3.73 7.58
N GLY A 75 -1.67 -4.22 6.39
CA GLY A 75 -0.75 -4.66 5.37
C GLY A 75 -0.80 -3.70 4.18
N PRO A 76 -0.46 -4.16 2.98
CA PRO A 76 -0.54 -3.27 1.81
C PRO A 76 -1.96 -2.75 1.63
N PHE A 77 -2.07 -1.48 1.23
CA PHE A 77 -3.39 -0.88 1.00
C PHE A 77 -3.23 0.31 0.06
N GLN A 78 -4.35 0.70 -0.56
CA GLN A 78 -4.46 1.95 -1.30
C GLN A 78 -5.37 2.93 -0.56
N GLY A 79 -4.96 4.20 -0.48
CA GLY A 79 -5.72 5.22 0.19
C GLY A 79 -4.87 6.03 1.15
N LYS A 80 -5.51 6.84 1.99
CA LYS A 80 -4.78 7.61 2.98
C LYS A 80 -4.44 6.73 4.17
N PRO A 81 -3.40 7.08 4.93
CA PRO A 81 -3.11 6.35 6.18
C PRO A 81 -4.36 6.22 7.03
N ALA A 82 -4.57 5.03 7.61
CA ALA A 82 -5.77 4.81 8.41
C ALA A 82 -5.42 4.08 9.72
N CYS A 83 -6.30 3.19 10.18
CA CYS A 83 -6.00 2.39 11.37
C CYS A 83 -4.73 1.56 11.14
N VAL A 84 -3.85 1.53 12.14
CA VAL A 84 -2.68 0.66 12.03
C VAL A 84 -2.91 -0.69 12.70
N ARG A 85 -3.48 -0.67 13.91
CA ARG A 85 -3.85 -1.88 14.62
C ARG A 85 -5.33 -1.82 14.95
N ILE A 86 -6.02 -2.95 14.82
CA ILE A 86 -7.43 -3.06 15.15
C ILE A 86 -7.62 -4.31 16.00
N ALA A 87 -8.14 -4.14 17.22
CA ALA A 87 -8.46 -5.27 18.08
C ALA A 87 -9.69 -6.01 17.57
N LEU A 88 -9.69 -7.33 17.75
CA LEU A 88 -10.86 -8.12 17.37
C LEU A 88 -12.09 -7.65 18.14
N GLY A 89 -13.21 -7.56 17.44
CA GLY A 89 -14.45 -7.04 18.01
C GLY A 89 -14.67 -5.56 17.83
N LYS A 90 -13.62 -4.78 17.56
CA LYS A 90 -13.70 -3.32 17.50
C LYS A 90 -13.89 -2.87 16.06
N GLY A 91 -14.93 -2.07 15.82
CA GLY A 91 -15.17 -1.52 14.50
C GLY A 91 -15.62 -2.57 13.51
N VAL A 92 -15.80 -2.12 12.27
CA VAL A 92 -16.28 -3.02 11.21
C VAL A 92 -15.25 -4.12 10.95
N CYS A 93 -13.98 -3.75 10.83
CA CYS A 93 -12.93 -4.73 10.54
C CYS A 93 -12.77 -5.72 11.68
N GLY A 94 -12.70 -5.23 12.91
CA GLY A 94 -12.60 -6.15 14.04
C GLY A 94 -13.83 -7.03 14.20
N THR A 95 -15.01 -6.51 13.87
CA THR A 95 -16.21 -7.34 13.91
C THR A 95 -16.14 -8.45 12.87
N ALA A 96 -15.68 -8.12 11.65
CA ALA A 96 -15.52 -9.14 10.61
C ALA A 96 -14.55 -10.23 11.05
N ALA A 97 -13.40 -9.83 11.62
CA ALA A 97 -12.40 -10.80 12.03
C ALA A 97 -12.92 -11.70 13.16
N GLN A 98 -13.64 -11.13 14.12
CA GLN A 98 -14.08 -11.92 15.27
C GLN A 98 -15.27 -12.83 14.92
N THR A 99 -16.26 -12.31 14.17
CA THR A 99 -17.40 -13.12 13.76
C THR A 99 -17.10 -14.03 12.56
N ARG A 100 -16.06 -13.70 11.80
CA ARG A 100 -15.75 -14.36 10.53
C ARG A 100 -16.96 -14.31 9.59
N GLN A 101 -17.67 -13.18 9.62
CA GLN A 101 -18.80 -12.91 8.75
C GLN A 101 -18.51 -11.63 7.97
N THR A 102 -18.76 -11.67 6.67
CA THR A 102 -18.61 -10.47 5.86
C THR A 102 -19.50 -9.36 6.43
N GLN A 103 -18.99 -8.14 6.44
CA GLN A 103 -19.75 -7.00 6.91
C GLN A 103 -20.04 -6.11 5.72
N VAL A 104 -21.31 -5.81 5.47
CA VAL A 104 -21.70 -4.88 4.42
C VAL A 104 -22.40 -3.72 5.11
N VAL A 105 -21.73 -2.57 5.18
CA VAL A 105 -22.18 -1.44 5.99
C VAL A 105 -22.59 -0.30 5.07
N ARG A 106 -23.87 0.07 5.12
CA ARG A 106 -24.36 1.16 4.28
C ARG A 106 -24.10 2.52 4.88
N ASP A 107 -23.97 2.60 6.20
CA ASP A 107 -23.73 3.87 6.91
C ASP A 107 -22.78 3.57 8.07
N VAL A 108 -21.49 3.86 7.86
CA VAL A 108 -20.49 3.56 8.87
C VAL A 108 -20.76 4.35 10.15
N HIS A 109 -21.32 5.55 10.02
CA HIS A 109 -21.60 6.39 11.17
C HIS A 109 -22.77 5.87 12.01
N ALA A 110 -23.40 4.77 11.62
CA ALA A 110 -24.43 4.11 12.41
C ALA A 110 -24.02 2.71 12.86
N PHE A 111 -22.86 2.23 12.46
CA PHE A 111 -22.37 0.91 12.85
C PHE A 111 -21.88 0.96 14.29
N PRO A 112 -22.51 0.23 15.22
CA PRO A 112 -22.15 0.35 16.64
C PRO A 112 -20.73 -0.11 16.92
N GLY A 113 -19.92 0.80 17.47
CA GLY A 113 -18.54 0.51 17.76
C GLY A 113 -17.56 0.87 16.67
N HIS A 114 -17.99 1.53 15.60
CA HIS A 114 -17.07 2.01 14.58
C HIS A 114 -16.01 2.91 15.20
N ILE A 115 -14.79 2.83 14.69
CA ILE A 115 -13.62 3.39 15.37
C ILE A 115 -13.16 4.67 14.68
N ALA A 116 -12.44 5.49 15.44
CA ALA A 116 -12.09 6.84 15.02
C ALA A 116 -11.24 6.86 13.75
N CYS A 117 -10.20 6.02 13.71
CA CYS A 117 -9.30 5.99 12.55
C CYS A 117 -10.00 5.57 11.27
N ASP A 118 -11.26 5.12 11.34
CA ASP A 118 -12.03 4.72 10.18
C ASP A 118 -13.07 5.77 9.79
N ALA A 119 -12.84 7.03 10.16
CA ALA A 119 -13.85 8.07 9.99
C ALA A 119 -13.96 8.60 8.56
N ALA A 120 -12.99 8.31 7.68
CA ALA A 120 -13.08 8.80 6.31
C ALA A 120 -14.14 8.08 5.49
N SER A 121 -14.65 6.95 5.98
CA SER A 121 -15.51 6.07 5.22
C SER A 121 -16.97 6.35 5.53
N GLU A 122 -17.80 6.43 4.49
CA GLU A 122 -19.23 6.55 4.62
C GLU A 122 -19.93 5.20 4.55
N SER A 123 -19.46 4.32 3.68
CA SER A 123 -19.90 2.93 3.61
C SER A 123 -18.69 2.04 3.42
N GLU A 124 -18.87 0.74 3.68
CA GLU A 124 -17.72 -0.13 3.83
C GLU A 124 -18.13 -1.57 3.58
N ILE A 125 -17.20 -2.37 3.06
CA ILE A 125 -17.39 -3.81 2.99
C ILE A 125 -16.12 -4.49 3.48
N VAL A 126 -16.27 -5.45 4.40
CA VAL A 126 -15.13 -6.18 4.94
C VAL A 126 -15.38 -7.67 4.80
N VAL A 127 -14.44 -8.37 4.19
CA VAL A 127 -14.50 -9.81 3.98
C VAL A 127 -13.44 -10.45 4.87
N PRO A 128 -13.80 -11.34 5.78
CA PRO A 128 -12.77 -12.04 6.57
C PRO A 128 -12.04 -13.03 5.69
N LEU A 129 -10.74 -13.16 5.91
CA LEU A 129 -9.90 -14.10 5.18
C LEU A 129 -9.54 -15.24 6.11
N VAL A 130 -9.93 -16.46 5.76
CA VAL A 130 -9.73 -17.63 6.61
C VAL A 130 -9.06 -18.73 5.81
N ALA A 131 -7.98 -19.29 6.36
CA ALA A 131 -7.26 -20.36 5.69
C ALA A 131 -8.06 -21.65 5.71
N ALA A 132 -7.66 -22.58 4.84
CA ALA A 132 -8.37 -23.85 4.71
C ALA A 132 -8.39 -24.64 6.01
N ASP A 133 -7.42 -24.42 6.89
CA ASP A 133 -7.36 -25.10 8.17
C ASP A 133 -7.99 -24.29 9.30
N GLY A 134 -8.70 -23.21 8.97
CA GLY A 134 -9.41 -22.44 9.97
C GLY A 134 -8.63 -21.32 10.62
N THR A 135 -7.37 -21.13 10.25
CA THR A 135 -6.59 -20.03 10.78
C THR A 135 -7.12 -18.70 10.23
N LEU A 136 -7.28 -17.71 11.12
CA LEU A 136 -7.66 -16.37 10.67
C LEU A 136 -6.46 -15.72 9.99
N ILE A 137 -6.60 -15.43 8.70
CA ILE A 137 -5.55 -14.77 7.94
C ILE A 137 -5.56 -13.28 8.21
N GLY A 138 -6.73 -12.67 8.23
CA GLY A 138 -6.92 -11.22 8.33
C GLY A 138 -8.26 -10.83 7.75
N VAL A 139 -8.33 -9.59 7.26
CA VAL A 139 -9.51 -9.12 6.52
C VAL A 139 -9.10 -8.34 5.28
N TRP A 140 -10.01 -8.33 4.30
CA TRP A 140 -9.97 -7.45 3.15
C TRP A 140 -11.02 -6.35 3.35
N ASP A 141 -10.60 -5.08 3.25
CA ASP A 141 -11.41 -3.94 3.68
C ASP A 141 -11.49 -2.92 2.55
N VAL A 142 -12.70 -2.55 2.13
CA VAL A 142 -12.88 -1.55 1.08
C VAL A 142 -13.82 -0.48 1.60
N ASP A 143 -13.44 0.78 1.40
CA ASP A 143 -14.19 1.91 1.94
C ASP A 143 -14.61 2.87 0.84
N SER A 144 -15.74 3.54 1.05
CA SER A 144 -16.25 4.53 0.11
C SER A 144 -16.67 5.79 0.85
N PRO A 145 -16.47 6.97 0.23
CA PRO A 145 -16.95 8.22 0.84
C PRO A 145 -18.40 8.53 0.56
N VAL A 146 -19.11 7.66 -0.16
CA VAL A 146 -20.53 7.85 -0.41
C VAL A 146 -21.31 6.78 0.34
N ALA A 147 -22.58 7.09 0.61
CA ALA A 147 -23.43 6.18 1.38
C ALA A 147 -23.89 5.02 0.52
N ALA A 148 -24.00 3.84 1.15
CA ALA A 148 -24.58 2.65 0.51
C ALA A 148 -23.91 2.32 -0.81
N ARG A 149 -22.57 2.39 -0.83
CA ARG A 149 -21.80 2.05 -2.03
C ARG A 149 -21.85 0.56 -2.34
N PHE A 150 -21.89 -0.29 -1.32
CA PHE A 150 -21.78 -1.73 -1.52
C PHE A 150 -23.11 -2.42 -1.23
N ASP A 151 -23.45 -3.40 -2.06
CA ASP A 151 -24.65 -4.20 -1.84
C ASP A 151 -24.29 -5.67 -1.83
N ASP A 152 -25.29 -6.57 -1.90
CA ASP A 152 -24.98 -7.98 -1.83
C ASP A 152 -24.35 -8.52 -3.11
N GLU A 153 -24.39 -7.78 -4.21
CA GLU A 153 -23.61 -8.21 -5.37
C GLU A 153 -22.13 -7.93 -5.16
N ASP A 154 -21.80 -6.82 -4.49
CA ASP A 154 -20.41 -6.61 -4.05
C ASP A 154 -19.98 -7.65 -3.04
N ARG A 155 -20.89 -8.12 -2.19
CA ARG A 155 -20.60 -9.26 -1.32
C ARG A 155 -20.16 -10.47 -2.14
N SER A 156 -20.97 -10.87 -3.12
CA SER A 156 -20.60 -11.96 -4.02
C SER A 156 -19.28 -11.66 -4.71
N GLY A 157 -19.17 -10.47 -5.30
CA GLY A 157 -18.00 -10.15 -6.10
C GLY A 157 -16.74 -10.04 -5.26
N MET A 158 -16.80 -9.30 -4.16
CA MET A 158 -15.60 -9.20 -3.32
C MET A 158 -15.19 -10.55 -2.76
N GLU A 159 -16.16 -11.39 -2.40
CA GLU A 159 -15.79 -12.69 -1.83
C GLU A 159 -15.14 -13.59 -2.87
N ALA A 160 -15.54 -13.47 -4.13
CA ALA A 160 -14.87 -14.25 -5.17
C ALA A 160 -13.43 -13.79 -5.34
N LEU A 161 -13.19 -12.47 -5.29
CA LEU A 161 -11.81 -11.97 -5.37
C LEU A 161 -10.98 -12.47 -4.20
N CYS A 162 -11.57 -12.45 -3.00
CA CYS A 162 -10.81 -12.88 -1.83
C CYS A 162 -10.53 -14.37 -1.86
N ARG A 163 -11.44 -15.17 -2.43
CA ARG A 163 -11.15 -16.61 -2.55
C ARG A 163 -9.95 -16.84 -3.46
N VAL A 164 -9.84 -16.08 -4.55
CA VAL A 164 -8.65 -16.14 -5.39
C VAL A 164 -7.40 -15.79 -4.58
N PHE A 165 -7.47 -14.71 -3.80
CA PHE A 165 -6.31 -14.31 -3.00
C PHE A 165 -5.92 -15.40 -2.02
N VAL A 166 -6.90 -15.93 -1.27
CA VAL A 166 -6.56 -16.92 -0.24
C VAL A 166 -6.00 -18.18 -0.87
N GLU A 167 -6.61 -18.64 -1.97
CA GLU A 167 -6.21 -19.92 -2.56
C GLU A 167 -4.87 -19.80 -3.29
N HIS A 168 -4.67 -18.74 -4.06
CA HIS A 168 -3.54 -18.67 -4.98
C HIS A 168 -2.45 -17.70 -4.55
N ALA A 169 -2.63 -16.98 -3.44
CA ALA A 169 -1.56 -16.15 -2.91
C ALA A 169 -1.18 -16.56 -1.49
N TRP A 170 -2.13 -16.56 -0.56
CA TRP A 170 -1.79 -16.90 0.82
C TRP A 170 -1.53 -18.39 0.96
N GLN A 171 -2.46 -19.23 0.49
CA GLN A 171 -2.33 -20.66 0.71
C GLN A 171 -1.08 -21.19 0.02
N LYS A 172 -0.72 -20.63 -1.13
CA LYS A 172 0.48 -21.04 -1.82
C LYS A 172 1.74 -20.72 -1.01
N ALA A 173 1.87 -19.47 -0.58
CA ALA A 173 3.09 -19.06 0.13
C ALA A 173 3.24 -19.81 1.45
N ARG A 174 2.12 -20.13 2.11
CA ARG A 174 2.17 -20.86 3.37
C ARG A 174 2.76 -22.25 3.19
N ASP A 175 2.61 -22.84 2.01
CA ASP A 175 3.09 -24.20 1.75
C ASP A 175 4.55 -24.21 1.32
N THR B 11 -6.61 25.76 -2.60
CA THR B 11 -7.60 26.64 -2.00
C THR B 11 -7.02 27.42 -0.82
N LEU B 12 -7.47 28.68 -0.68
CA LEU B 12 -6.97 29.66 0.29
C LEU B 12 -5.55 30.10 -0.04
N SER B 13 -5.44 31.06 -0.96
CA SER B 13 -4.15 31.60 -1.39
C SER B 13 -3.43 32.38 -0.29
N THR B 14 -4.16 32.83 0.74
CA THR B 14 -3.55 33.61 1.81
C THR B 14 -2.81 32.76 2.84
N ASP B 15 -2.80 31.44 2.69
CA ASP B 15 -2.12 30.59 3.63
C ASP B 15 -0.61 30.69 3.46
N PRO B 16 0.16 30.34 4.50
CA PRO B 16 1.62 30.25 4.33
C PRO B 16 1.99 29.25 3.24
N HIS B 17 2.94 29.65 2.40
CA HIS B 17 3.39 28.83 1.28
C HIS B 17 4.86 28.48 1.52
N ALA B 18 5.10 27.24 1.94
CA ALA B 18 6.43 26.80 2.32
C ALA B 18 7.25 26.39 1.10
N SER B 19 8.57 26.49 1.25
CA SER B 19 9.48 26.04 0.22
C SER B 19 9.57 24.51 0.23
N LYS B 20 10.24 23.98 -0.79
CA LYS B 20 10.43 22.53 -0.86
C LYS B 20 11.15 22.01 0.37
N ALA B 21 12.16 22.75 0.83
CA ALA B 21 12.95 22.31 1.99
C ALA B 21 12.08 22.21 3.24
N GLU B 22 11.26 23.24 3.47
CA GLU B 22 10.40 23.24 4.66
C GLU B 22 9.34 22.15 4.58
N LEU B 23 8.74 21.97 3.39
CA LEU B 23 7.70 20.94 3.24
C LEU B 23 8.27 19.55 3.47
N TYR B 24 9.45 19.25 2.90
CA TYR B 24 10.06 17.95 3.13
C TYR B 24 10.47 17.77 4.59
N ALA B 25 10.88 18.84 5.26
CA ALA B 25 11.20 18.73 6.67
C ALA B 25 9.97 18.42 7.50
N THR B 26 8.85 19.09 7.20
CA THR B 26 7.60 18.79 7.90
C THR B 26 7.17 17.35 7.65
N LEU B 27 7.28 16.90 6.40
CA LEU B 27 6.88 15.54 6.05
C LEU B 27 7.77 14.49 6.72
N ALA B 28 9.06 14.81 6.90
CA ALA B 28 9.97 13.89 7.58
C ALA B 28 9.57 13.71 9.04
N GLU B 29 9.15 14.79 9.70
CA GLU B 29 8.72 14.66 11.09
C GLU B 29 7.42 13.86 11.17
N GLN B 30 6.50 14.07 10.22
CA GLN B 30 5.30 13.26 10.17
C GLN B 30 5.64 11.79 9.96
N ALA B 31 6.56 11.52 9.01
CA ALA B 31 6.99 10.15 8.77
C ALA B 31 7.62 9.54 10.01
N ARG B 32 8.46 10.30 10.70
CA ARG B 32 9.02 9.82 11.97
C ARG B 32 7.92 9.45 12.95
N SER B 33 6.97 10.37 13.16
CA SER B 33 5.89 10.11 14.11
C SER B 33 5.05 8.91 13.68
N LEU B 34 4.85 8.74 12.36
CA LEU B 34 4.01 7.66 11.87
C LEU B 34 4.61 6.29 12.16
N VAL B 35 5.94 6.13 12.00
CA VAL B 35 6.54 4.79 12.07
C VAL B 35 7.28 4.51 13.37
N GLU B 36 7.57 5.54 14.19
CA GLU B 36 8.48 5.39 15.33
C GLU B 36 8.13 4.23 16.25
N SER B 37 6.86 4.10 16.62
CA SER B 37 6.48 3.17 17.66
C SER B 37 5.81 1.90 17.14
N GLU B 38 5.57 1.78 15.83
CA GLU B 38 4.99 0.55 15.29
C GLU B 38 6.09 -0.43 14.95
N PRO B 39 6.08 -1.65 15.49
CA PRO B 39 7.17 -2.59 15.20
C PRO B 39 7.10 -3.20 13.81
N ASP B 40 5.92 -3.32 13.22
CA ASP B 40 5.77 -4.12 12.00
C ASP B 40 6.28 -3.37 10.78
N LEU B 41 7.22 -3.98 10.07
CA LEU B 41 7.91 -3.33 8.96
C LEU B 41 6.98 -3.11 7.78
N ILE B 42 6.17 -4.11 7.46
CA ILE B 42 5.27 -4.00 6.31
C ILE B 42 4.21 -2.92 6.57
N ALA B 43 3.69 -2.85 7.80
CA ALA B 43 2.76 -1.79 8.16
C ALA B 43 3.41 -0.42 7.98
N ASN B 44 4.64 -0.25 8.45
CA ASN B 44 5.31 1.03 8.29
C ASN B 44 5.56 1.36 6.83
N ALA B 45 5.95 0.36 6.03
CA ALA B 45 6.13 0.59 4.59
C ALA B 45 4.82 1.00 3.93
N ALA B 46 3.71 0.32 4.26
CA ALA B 46 2.42 0.68 3.68
C ALA B 46 2.01 2.09 4.10
N ASN B 47 2.16 2.41 5.38
CA ASN B 47 1.76 3.74 5.87
C ASN B 47 2.65 4.84 5.32
N PHE B 48 3.95 4.56 5.22
CA PHE B 48 4.90 5.54 4.68
C PHE B 48 4.56 5.84 3.21
N SER B 49 4.32 4.81 2.41
CA SER B 49 3.91 5.03 1.02
CA SER B 49 3.92 5.05 1.02
CA SER B 49 3.91 5.03 1.02
C SER B 49 2.66 5.89 0.95
N ALA B 50 1.66 5.59 1.79
CA ALA B 50 0.41 6.35 1.78
C ALA B 50 0.63 7.80 2.20
N LEU B 51 1.46 8.01 3.22
CA LEU B 51 1.68 9.36 3.72
C LEU B 51 2.35 10.25 2.66
N VAL B 52 3.41 9.75 2.05
CA VAL B 52 4.14 10.57 1.08
C VAL B 52 3.27 10.83 -0.15
N TYR B 53 2.60 9.80 -0.65
CA TYR B 53 1.79 9.94 -1.86
C TYR B 53 0.71 11.00 -1.66
N HIS B 54 0.14 11.08 -0.47
CA HIS B 54 -0.96 12.00 -0.29
C HIS B 54 -0.52 13.36 0.23
N SER B 55 0.77 13.55 0.49
CA SER B 55 1.28 14.84 0.93
C SER B 55 1.90 15.67 -0.18
N LEU B 56 2.31 15.06 -1.30
CA LEU B 56 2.90 15.77 -2.41
C LEU B 56 1.96 15.75 -3.62
N ASP B 57 1.88 16.87 -4.33
CA ASP B 57 0.97 16.95 -5.46
C ASP B 57 1.62 16.42 -6.73
N ARG B 58 0.80 16.18 -7.75
CA ARG B 58 1.27 15.80 -9.08
C ARG B 58 2.10 14.50 -9.04
N LEU B 59 1.60 13.50 -8.32
CA LEU B 59 2.20 12.18 -8.25
C LEU B 59 1.23 11.13 -8.81
N ASN B 60 1.79 10.07 -9.41
CA ASN B 60 0.96 8.97 -9.86
C ASN B 60 1.44 7.61 -9.35
N TRP B 61 2.56 7.54 -8.63
CA TRP B 61 3.02 6.30 -8.04
C TRP B 61 4.00 6.64 -6.93
N ALA B 62 3.98 5.86 -5.85
CA ALA B 62 4.96 6.03 -4.79
C ALA B 62 4.98 4.76 -3.94
N GLY B 63 6.12 4.09 -3.87
CA GLY B 63 6.19 2.85 -3.14
C GLY B 63 7.57 2.22 -3.19
N PHE B 64 7.64 1.03 -2.62
CA PHE B 64 8.89 0.30 -2.39
C PHE B 64 9.03 -0.89 -3.34
N TYR B 65 10.28 -1.17 -3.73
CA TYR B 65 10.67 -2.50 -4.20
C TYR B 65 11.70 -3.01 -3.21
N PHE B 66 11.54 -4.25 -2.76
CA PHE B 66 12.46 -4.83 -1.79
C PHE B 66 13.33 -5.88 -2.45
N PHE B 67 14.63 -5.81 -2.17
CA PHE B 67 15.59 -6.78 -2.67
C PHE B 67 15.40 -8.11 -1.96
N ASP B 68 15.18 -9.19 -2.72
CA ASP B 68 14.96 -10.50 -2.14
C ASP B 68 16.24 -11.34 -2.11
N GLY B 69 17.39 -10.71 -2.25
CA GLY B 69 18.65 -11.42 -2.34
C GLY B 69 19.09 -11.68 -3.75
N THR B 70 18.17 -11.63 -4.72
CA THR B 70 18.50 -11.82 -6.13
C THR B 70 18.05 -10.65 -6.98
N GLU B 71 16.82 -10.17 -6.78
CA GLU B 71 16.28 -9.08 -7.58
C GLU B 71 15.30 -8.29 -6.72
N LEU B 72 14.78 -7.20 -7.30
CA LEU B 72 13.74 -6.40 -6.65
C LEU B 72 12.36 -7.03 -6.82
N VAL B 73 11.55 -6.94 -5.77
CA VAL B 73 10.18 -7.45 -5.73
C VAL B 73 9.31 -6.36 -5.12
N VAL B 74 8.19 -6.04 -5.78
CA VAL B 74 7.42 -4.88 -5.35
C VAL B 74 6.87 -5.10 -3.95
N GLY B 75 6.90 -4.05 -3.13
CA GLY B 75 6.32 -4.05 -1.80
C GLY B 75 5.09 -3.18 -1.77
N PRO B 76 4.71 -2.62 -0.62
CA PRO B 76 3.57 -1.71 -0.58
C PRO B 76 3.79 -0.51 -1.48
N PHE B 77 2.71 -0.04 -2.11
CA PHE B 77 2.78 1.14 -2.97
C PHE B 77 1.39 1.76 -3.14
N GLN B 78 1.37 3.04 -3.52
CA GLN B 78 0.20 3.74 -4.02
C GLN B 78 0.32 3.91 -5.54
N GLY B 79 -0.78 3.69 -6.25
CA GLY B 79 -0.80 3.81 -7.70
C GLY B 79 -1.37 2.56 -8.35
N LYS B 80 -1.41 2.59 -9.68
CA LYS B 80 -1.86 1.42 -10.42
C LYS B 80 -0.78 0.33 -10.37
N PRO B 81 -1.16 -0.93 -10.62
CA PRO B 81 -0.14 -1.99 -10.69
C PRO B 81 0.99 -1.58 -11.63
N ALA B 82 2.22 -1.90 -11.24
CA ALA B 82 3.40 -1.53 -12.03
C ALA B 82 4.25 -2.76 -12.31
N CYS B 83 5.57 -2.65 -12.16
CA CYS B 83 6.39 -3.84 -12.21
C CYS B 83 6.21 -4.67 -10.95
N VAL B 84 6.35 -5.98 -11.08
CA VAL B 84 6.34 -6.89 -9.94
C VAL B 84 7.75 -7.31 -9.55
N ARG B 85 8.54 -7.76 -10.52
CA ARG B 85 9.93 -8.11 -10.32
C ARG B 85 10.82 -7.33 -11.27
N ILE B 86 11.94 -6.82 -10.73
CA ILE B 86 12.90 -6.05 -11.52
C ILE B 86 14.30 -6.58 -11.25
N ALA B 87 14.99 -7.00 -12.30
CA ALA B 87 16.37 -7.46 -12.17
C ALA B 87 17.30 -6.29 -11.89
N LEU B 88 18.37 -6.58 -11.14
CA LEU B 88 19.43 -5.60 -10.96
C LEU B 88 19.90 -5.08 -12.31
N GLY B 89 20.04 -3.75 -12.40
CA GLY B 89 20.49 -3.12 -13.63
C GLY B 89 19.42 -2.84 -14.66
N LYS B 90 18.19 -3.31 -14.48
CA LYS B 90 17.16 -3.17 -15.51
C LYS B 90 16.27 -1.98 -15.17
N GLY B 91 16.19 -1.01 -16.08
CA GLY B 91 15.33 0.14 -15.89
C GLY B 91 15.84 1.09 -14.81
N VAL B 92 15.05 2.14 -14.56
CA VAL B 92 15.43 3.16 -13.59
C VAL B 92 15.60 2.54 -12.20
N CYS B 93 14.64 1.72 -11.78
CA CYS B 93 14.68 1.11 -10.44
C CYS B 93 15.81 0.10 -10.32
N GLY B 94 15.98 -0.76 -11.32
CA GLY B 94 17.07 -1.72 -11.28
C GLY B 94 18.42 -1.05 -11.36
N THR B 95 18.51 0.05 -12.12
CA THR B 95 19.73 0.83 -12.16
C THR B 95 20.03 1.43 -10.79
N ALA B 96 19.02 2.00 -10.15
CA ALA B 96 19.22 2.53 -8.80
C ALA B 96 19.72 1.44 -7.84
N ALA B 97 19.10 0.27 -7.89
CA ALA B 97 19.49 -0.79 -6.95
C ALA B 97 20.91 -1.26 -7.21
N GLN B 98 21.32 -1.35 -8.48
CA GLN B 98 22.63 -1.89 -8.78
C GLN B 98 23.74 -0.85 -8.55
N THR B 99 23.53 0.37 -9.03
CA THR B 99 24.54 1.41 -8.85
C THR B 99 24.57 1.94 -7.41
N ARG B 100 23.53 1.65 -6.64
CA ARG B 100 23.30 2.23 -5.31
C ARG B 100 23.43 3.76 -5.34
N GLN B 101 22.99 4.35 -6.43
CA GLN B 101 22.97 5.78 -6.64
C GLN B 101 21.54 6.22 -6.87
N THR B 102 21.16 7.36 -6.31
CA THR B 102 19.83 7.91 -6.54
C THR B 102 19.68 8.33 -8.00
N GLN B 103 18.55 7.98 -8.58
CA GLN B 103 18.24 8.29 -9.97
C GLN B 103 17.17 9.37 -10.02
N VAL B 104 17.41 10.43 -10.79
CA VAL B 104 16.42 11.47 -11.01
C VAL B 104 16.23 11.60 -12.52
N VAL B 105 15.01 11.37 -12.98
CA VAL B 105 14.69 11.34 -14.41
C VAL B 105 13.72 12.47 -14.68
N ARG B 106 14.12 13.41 -15.54
CA ARG B 106 13.25 14.54 -15.89
C ARG B 106 12.25 14.18 -16.99
N ASP B 107 12.59 13.24 -17.86
CA ASP B 107 11.73 12.81 -18.96
C ASP B 107 11.94 11.32 -19.19
N VAL B 108 10.89 10.54 -18.95
CA VAL B 108 10.96 9.10 -19.14
C VAL B 108 10.96 8.77 -20.62
N ILE B 115 11.99 2.46 -20.16
CA ILE B 115 11.54 1.07 -20.08
C ILE B 115 10.86 0.81 -18.73
N ALA B 116 9.53 0.65 -18.74
CA ALA B 116 8.73 0.32 -17.56
C ALA B 116 8.72 1.49 -16.58
N CYS B 117 7.83 1.51 -15.58
CA CYS B 117 6.77 0.53 -15.32
C CYS B 117 5.39 1.16 -15.44
N ASP B 118 5.13 2.14 -14.57
CA ASP B 118 3.92 2.94 -14.65
C ASP B 118 3.91 3.71 -15.96
N ALA B 119 2.99 3.35 -16.87
CA ALA B 119 3.04 3.90 -18.22
C ALA B 119 2.87 5.41 -18.22
N ALA B 120 1.95 5.93 -17.42
CA ALA B 120 1.66 7.36 -17.38
C ALA B 120 2.78 8.18 -16.77
N SER B 121 3.89 7.56 -16.36
CA SER B 121 4.95 8.30 -15.68
C SER B 121 5.78 9.09 -16.70
N GLU B 122 6.01 10.35 -16.40
CA GLU B 122 6.84 11.23 -17.21
C GLU B 122 8.14 11.61 -16.51
N SER B 123 8.14 11.70 -15.19
CA SER B 123 9.35 11.95 -14.41
C SER B 123 9.31 11.06 -13.17
N GLU B 124 10.49 10.80 -12.63
CA GLU B 124 10.63 9.73 -11.66
C GLU B 124 11.88 9.99 -10.82
N ILE B 125 11.81 9.58 -9.56
CA ILE B 125 12.96 9.59 -8.67
C ILE B 125 12.99 8.25 -7.97
N VAL B 126 14.18 7.61 -7.94
CA VAL B 126 14.38 6.33 -7.26
C VAL B 126 15.53 6.46 -6.30
N VAL B 127 15.28 6.17 -5.02
CA VAL B 127 16.26 6.29 -3.95
C VAL B 127 16.64 4.89 -3.48
N PRO B 128 17.89 4.47 -3.60
CA PRO B 128 18.28 3.16 -3.05
C PRO B 128 18.23 3.17 -1.53
N LEU B 129 17.89 2.01 -0.96
CA LEU B 129 17.77 1.81 0.47
C LEU B 129 18.83 0.81 0.89
N VAL B 130 19.75 1.24 1.75
CA VAL B 130 20.88 0.42 2.15
C VAL B 130 20.99 0.41 3.66
N ALA B 131 21.21 -0.78 4.23
CA ALA B 131 21.26 -0.96 5.67
C ALA B 131 22.59 -0.46 6.24
N ALA B 132 22.67 -0.43 7.57
CA ALA B 132 23.90 0.00 8.23
C ALA B 132 25.08 -0.90 7.89
N ASP B 133 24.84 -2.20 7.70
CA ASP B 133 25.92 -3.12 7.39
C ASP B 133 26.22 -3.21 5.89
N GLY B 134 25.59 -2.38 5.07
CA GLY B 134 25.85 -2.38 3.64
C GLY B 134 24.92 -3.25 2.82
N THR B 135 23.98 -3.96 3.45
CA THR B 135 23.01 -4.76 2.73
C THR B 135 22.08 -3.87 1.91
N LEU B 136 21.80 -4.27 0.66
CA LEU B 136 20.78 -3.59 -0.12
C LEU B 136 19.39 -3.96 0.40
N ILE B 137 18.65 -2.98 0.92
CA ILE B 137 17.27 -3.20 1.37
C ILE B 137 16.33 -3.25 0.18
N GLY B 138 16.43 -2.28 -0.71
CA GLY B 138 15.57 -2.17 -1.89
C GLY B 138 15.67 -0.76 -2.46
N VAL B 139 14.55 -0.29 -3.04
CA VAL B 139 14.49 1.09 -3.50
C VAL B 139 13.15 1.70 -3.14
N TRP B 140 13.15 3.03 -3.03
CA TRP B 140 11.94 3.84 -2.93
C TRP B 140 11.75 4.53 -4.28
N ASP B 141 10.55 4.40 -4.87
CA ASP B 141 10.29 4.88 -6.23
C ASP B 141 9.07 5.80 -6.22
N VAL B 142 9.20 6.98 -6.84
CA VAL B 142 8.09 7.94 -6.96
C VAL B 142 8.01 8.42 -8.40
N ASP B 143 6.79 8.49 -8.93
CA ASP B 143 6.57 8.89 -10.31
C ASP B 143 5.56 10.03 -10.38
N SER B 144 5.68 10.83 -11.42
CA SER B 144 4.77 11.92 -11.71
C SER B 144 4.35 11.86 -13.17
N PRO B 145 3.11 12.22 -13.49
CA PRO B 145 2.71 12.32 -14.89
C PRO B 145 3.14 13.62 -15.56
N VAL B 146 3.86 14.47 -14.85
CA VAL B 146 4.31 15.77 -15.35
C VAL B 146 5.82 15.70 -15.60
N ALA B 147 6.26 16.25 -16.73
CA ALA B 147 7.67 16.26 -17.06
C ALA B 147 8.45 17.11 -16.05
N ALA B 148 9.62 16.60 -15.64
CA ALA B 148 10.54 17.33 -14.75
C ALA B 148 9.86 17.77 -13.46
N ARG B 149 9.04 16.89 -12.87
CA ARG B 149 8.41 17.21 -11.60
C ARG B 149 9.43 17.25 -10.46
N PHE B 150 10.53 16.51 -10.56
CA PHE B 150 11.51 16.37 -9.48
C PHE B 150 12.81 17.07 -9.86
N ASP B 151 13.26 17.97 -8.99
CA ASP B 151 14.54 18.64 -9.12
C ASP B 151 15.45 18.21 -7.98
N ASP B 152 16.60 18.89 -7.85
CA ASP B 152 17.56 18.48 -6.84
C ASP B 152 17.04 18.70 -5.42
N GLU B 153 16.09 19.62 -5.23
CA GLU B 153 15.47 19.78 -3.93
C GLU B 153 14.59 18.58 -3.60
N ASP B 154 13.87 18.06 -4.60
CA ASP B 154 13.13 16.83 -4.39
C ASP B 154 14.09 15.66 -4.15
N ARG B 155 15.23 15.66 -4.85
CA ARG B 155 16.23 14.63 -4.62
C ARG B 155 16.67 14.63 -3.17
N SER B 156 17.06 15.79 -2.64
CA SER B 156 17.47 15.90 -1.24
C SER B 156 16.32 15.56 -0.30
N GLY B 157 15.11 16.02 -0.63
CA GLY B 157 13.97 15.77 0.23
C GLY B 157 13.59 14.29 0.28
N MET B 158 13.52 13.64 -0.88
CA MET B 158 13.20 12.22 -0.89
C MET B 158 14.26 11.41 -0.15
N GLU B 159 15.54 11.77 -0.30
CA GLU B 159 16.58 11.05 0.42
C GLU B 159 16.42 11.22 1.93
N ALA B 160 16.02 12.40 2.38
CA ALA B 160 15.81 12.59 3.80
C ALA B 160 14.60 11.80 4.28
N LEU B 161 13.55 11.70 3.47
CA LEU B 161 12.41 10.86 3.85
C LEU B 161 12.83 9.41 3.97
N CYS B 162 13.64 8.92 3.03
CA CYS B 162 14.06 7.53 3.07
C CYS B 162 14.96 7.26 4.27
N ARG B 163 15.78 8.23 4.69
CA ARG B 163 16.57 8.04 5.90
C ARG B 163 15.66 7.82 7.11
N VAL B 164 14.53 8.51 7.16
CA VAL B 164 13.60 8.31 8.27
C VAL B 164 13.07 6.88 8.25
N PHE B 165 12.65 6.40 7.08
CA PHE B 165 12.10 5.05 6.99
C PHE B 165 13.17 4.01 7.37
N VAL B 166 14.35 4.14 6.80
CA VAL B 166 15.40 3.16 7.09
C VAL B 166 15.77 3.20 8.57
N GLU B 167 15.89 4.40 9.13
CA GLU B 167 16.34 4.52 10.52
C GLU B 167 15.25 4.11 11.51
N HIS B 168 14.03 4.62 11.33
CA HIS B 168 13.00 4.47 12.35
C HIS B 168 12.01 3.34 12.08
N ALA B 169 12.15 2.64 10.96
CA ALA B 169 11.36 1.44 10.72
C ALA B 169 12.25 0.24 10.41
N TRP B 170 13.09 0.31 9.38
CA TRP B 170 13.79 -0.89 8.94
C TRP B 170 14.91 -1.25 9.90
N GLN B 171 15.86 -0.33 10.13
CA GLN B 171 17.00 -0.62 10.99
C GLN B 171 16.55 -0.87 12.42
N LYS B 172 15.53 -0.15 12.87
CA LYS B 172 14.94 -0.40 14.19
C LYS B 172 14.52 -1.87 14.33
N ALA B 173 13.82 -2.40 13.33
CA ALA B 173 13.39 -3.80 13.42
C ALA B 173 14.57 -4.75 13.33
N ARG B 174 15.50 -4.47 12.40
CA ARG B 174 16.67 -5.33 12.22
C ARG B 174 17.51 -5.41 13.50
N ASP B 175 17.74 -4.26 14.16
CA ASP B 175 18.57 -4.26 15.37
C ASP B 175 17.93 -5.00 16.54
N ARG B 176 16.61 -5.15 16.54
CA ARG B 176 15.98 -5.87 17.64
C ARG B 176 16.11 -7.38 17.49
N ALA B 177 16.33 -7.87 16.27
CA ALA B 177 16.42 -9.31 16.03
C ALA B 177 17.60 -9.95 16.76
C1 EDO C . -1.08 12.16 -5.58
O1 EDO C . -0.46 13.38 -6.03
C2 EDO C . -2.18 12.46 -4.57
O2 EDO C . -1.64 13.25 -3.51
C1 EDO D . 22.35 -8.78 0.59
O1 EDO D . 21.04 -9.36 0.56
C2 EDO D . 22.59 -7.91 -0.65
O2 EDO D . 23.18 -6.64 -0.33
C1 EDO E . 1.31 33.70 5.26
O1 EDO E . 2.73 33.72 5.37
C2 EDO E . 0.69 34.13 6.58
O2 EDO E . -0.72 33.97 6.51
#